data_3U7S
#
_entry.id   3U7S
#
_cell.length_a   62.540
_cell.length_b   62.540
_cell.length_c   82.640
_cell.angle_alpha   90.00
_cell.angle_beta   90.00
_cell.angle_gamma   120.00
#
_symmetry.space_group_name_H-M   'P 61'
#
loop_
_entity.id
_entity.type
_entity.pdbx_description
1 polymer 'Pol polyprotein'
2 non-polymer (3R,3AS,6AR)-HEXAHYDROFURO[2,3-B]FURAN-3-YL(1S,2R)-3-[[(4-AMINOPHENYL)SULFONYL](ISOBUTYL)AMINO]-1-BENZYL-2-HYDROXYPROPYLCARBAMATE
3 non-polymer BETA-MERCAPTOETHANOL
4 water water
#
_entity_poly.entity_id   1
_entity_poly.type   'polypeptide(L)'
_entity_poly.pdbx_seq_one_letter_code
;PQITLWQRPLVVVKVGGQLMEALLDTGADDTIFEEMNLPGRWTPKMIGGIGGFLNVRQYDQVPIEICGHKVVSTVLIGPT
PLNVIGRNVMTQIGCTLNF
;
_entity_poly.pdbx_strand_id   A,B
#
# COMPACT_ATOMS: atom_id res chain seq x y z
N PRO A 1 14.41 -12.42 -3.72
CA PRO A 1 13.56 -13.02 -4.73
C PRO A 1 12.58 -12.01 -5.33
N GLN A 2 12.19 -12.26 -6.57
CA GLN A 2 11.26 -11.39 -7.29
C GLN A 2 9.80 -11.84 -7.06
N ILE A 3 8.94 -10.86 -6.81
CA ILE A 3 7.52 -11.08 -6.55
C ILE A 3 6.64 -10.34 -7.56
N THR A 4 5.86 -11.07 -8.34
CA THR A 4 4.90 -10.42 -9.23
C THR A 4 3.67 -9.94 -8.46
N LEU A 5 2.84 -9.14 -9.10
CA LEU A 5 1.73 -8.48 -8.42
C LEU A 5 0.37 -8.90 -8.97
N TRP A 6 0.32 -10.03 -9.66
CA TRP A 6 -0.95 -10.62 -10.12
C TRP A 6 -1.81 -11.03 -8.91
N GLN A 7 -1.12 -11.40 -7.83
CA GLN A 7 -1.71 -11.79 -6.57
C GLN A 7 -1.21 -10.83 -5.48
N ARG A 8 -1.90 -10.76 -4.35
CA ARG A 8 -1.42 -9.94 -3.22
C ARG A 8 -0.05 -10.44 -2.73
N PRO A 9 0.91 -9.53 -2.51
CA PRO A 9 2.23 -9.97 -2.03
C PRO A 9 2.25 -10.28 -0.51
N LEU A 10 1.65 -11.40 -0.14
CA LEU A 10 1.67 -11.84 1.26
C LEU A 10 2.95 -12.57 1.55
N VAL A 11 3.46 -12.33 2.76
CA VAL A 11 4.61 -13.08 3.26
C VAL A 11 4.30 -13.62 4.66
N VAL A 12 4.94 -14.72 5.05
CA VAL A 12 4.87 -15.14 6.45
C VAL A 12 5.84 -14.34 7.35
N VAL A 13 5.31 -13.87 8.47
CA VAL A 13 6.10 -13.07 9.40
C VAL A 13 6.11 -13.68 10.81
N LYS A 14 7.28 -13.65 11.45
CA LYS A 14 7.36 -13.90 12.89
C LYS A 14 7.57 -12.56 13.61
N VAL A 15 6.64 -12.25 14.50
CA VAL A 15 6.64 -11.02 15.26
C VAL A 15 6.08 -11.30 16.64
N GLY A 16 6.83 -10.92 17.67
N GLY A 16 6.80 -10.79 17.63
CA GLY A 16 6.41 -11.11 19.05
CA GLY A 16 6.72 -11.31 18.99
C GLY A 16 6.22 -12.57 19.46
C GLY A 16 7.40 -12.65 18.87
N GLY A 17 7.05 -13.43 18.89
N GLY A 17 6.75 -13.67 19.40
CA GLY A 17 6.98 -14.87 19.13
CA GLY A 17 7.07 -15.03 19.02
C GLY A 17 5.77 -15.55 18.50
C GLY A 17 5.87 -15.65 18.31
N GLN A 18 5.08 -14.83 17.62
CA GLN A 18 3.87 -15.35 16.96
C GLN A 18 4.04 -15.35 15.44
N LEU A 19 3.34 -16.25 14.79
CA LEU A 19 3.43 -16.36 13.36
C LEU A 19 2.16 -15.77 12.73
N MET A 20 2.33 -14.97 11.68
CA MET A 20 1.19 -14.44 10.92
C MET A 20 1.54 -14.18 9.46
N GLU A 21 0.54 -13.74 8.70
CA GLU A 21 0.78 -13.30 7.32
C GLU A 21 0.58 -11.80 7.23
N ALA A 22 1.35 -11.20 6.32
CA ALA A 22 1.25 -9.79 6.09
C ALA A 22 1.55 -9.44 4.65
N LEU A 23 1.02 -8.29 4.25
CA LEU A 23 1.20 -7.74 2.94
C LEU A 23 2.46 -6.87 2.81
N LEU A 24 3.26 -7.16 1.79
CA LEU A 24 4.38 -6.26 1.50
C LEU A 24 3.80 -5.03 0.81
N ASP A 25 3.87 -3.90 1.50
CA ASP A 25 3.01 -2.78 1.16
C ASP A 25 3.79 -1.51 0.94
N THR A 26 4.12 -1.21 -0.34
CA THR A 26 4.95 -0.04 -0.66
C THR A 26 4.21 1.29 -0.40
N GLY A 27 2.89 1.22 -0.24
CA GLY A 27 2.13 2.43 0.04
C GLY A 27 2.01 2.77 1.52
N ALA A 28 2.69 2.03 2.37
CA ALA A 28 2.63 2.25 3.81
C ALA A 28 3.98 2.70 4.33
N ASP A 29 4.01 3.80 5.09
CA ASP A 29 5.26 4.28 5.66
C ASP A 29 5.67 3.37 6.78
N ASP A 30 4.65 2.90 7.51
CA ASP A 30 4.80 2.19 8.76
C ASP A 30 4.27 0.74 8.65
N THR A 31 4.60 -0.05 9.68
CA THR A 31 4.27 -1.49 9.72
C THR A 31 3.17 -1.61 10.77
N ILE A 32 2.06 -2.24 10.38
CA ILE A 32 0.92 -2.35 11.28
C ILE A 32 0.26 -3.72 11.22
N PHE A 33 0.06 -4.27 12.42
CA PHE A 33 -0.60 -5.54 12.63
C PHE A 33 -1.87 -5.40 13.45
N GLU A 34 -2.75 -6.36 13.21
CA GLU A 34 -3.93 -6.58 14.04
CA GLU A 34 -3.91 -6.68 14.02
C GLU A 34 -3.57 -6.78 15.52
N GLU A 35 -4.52 -6.43 16.38
CA GLU A 35 -4.32 -6.56 17.83
C GLU A 35 -3.59 -7.85 18.16
N MET A 36 -2.46 -7.69 18.85
CA MET A 36 -1.72 -8.78 19.42
C MET A 36 -0.99 -8.22 20.62
N ASN A 37 -0.57 -9.10 21.50
CA ASN A 37 0.13 -8.65 22.68
C ASN A 37 1.60 -8.52 22.31
N LEU A 38 2.06 -7.29 22.16
CA LEU A 38 3.48 -7.08 22.15
C LEU A 38 3.85 -6.70 23.56
N PRO A 39 4.96 -7.24 24.08
CA PRO A 39 5.34 -6.91 25.45
C PRO A 39 5.78 -5.47 25.61
N GLY A 40 5.61 -4.94 26.81
CA GLY A 40 6.21 -3.66 27.21
C GLY A 40 5.47 -2.38 26.91
N ARG A 41 6.18 -1.27 27.16
CA ARG A 41 5.74 0.10 26.89
C ARG A 41 5.38 0.33 25.42
N TRP A 42 4.50 1.31 25.18
CA TRP A 42 4.07 1.71 23.83
C TRP A 42 3.64 3.19 23.86
N THR A 43 3.58 3.83 22.70
CA THR A 43 3.13 5.23 22.59
C THR A 43 1.85 5.27 21.78
N PRO A 44 0.86 6.08 22.20
CA PRO A 44 -0.31 6.23 21.34
C PRO A 44 0.08 6.90 20.00
N LYS A 45 -0.45 6.42 18.89
CA LYS A 45 -0.20 7.07 17.61
C LYS A 45 -1.46 7.23 16.77
N MET A 46 -1.52 8.36 16.06
CA MET A 46 -2.50 8.68 15.01
C MET A 46 -1.74 8.08 13.85
N ILE A 47 -2.28 7.08 13.16
CA ILE A 47 -2.58 7.10 11.74
C ILE A 47 -3.86 7.36 10.94
N GLY A 48 -3.62 7.87 9.71
CA GLY A 48 -4.66 8.07 8.75
C GLY A 48 -4.47 7.22 7.51
N GLY A 49 -5.47 6.42 7.21
CA GLY A 49 -5.43 5.62 6.03
C GLY A 49 -6.50 6.12 5.14
N ILE A 50 -6.76 5.34 4.09
CA ILE A 50 -7.82 5.62 3.15
C ILE A 50 -9.03 6.25 3.83
N GLY A 51 -9.36 5.74 5.01
CA GLY A 51 -10.57 6.09 5.73
C GLY A 51 -10.29 6.80 7.03
N GLY A 52 -9.11 6.53 7.62
CA GLY A 52 -8.54 7.17 8.84
C GLY A 52 -8.81 8.67 8.96
N PHE A 53 -8.66 9.24 10.16
CA PHE A 53 -7.68 8.86 11.21
C PHE A 53 -8.15 7.99 12.37
N LEU A 54 -7.18 7.28 12.97
CA LEU A 54 -7.36 6.06 13.82
C LEU A 54 -6.36 5.95 15.00
N ASN A 55 -6.58 4.95 15.89
CA ASN A 55 -5.83 4.84 17.15
C ASN A 55 -5.02 3.60 17.31
N VAL A 56 -3.71 3.79 17.39
CA VAL A 56 -2.82 2.66 17.34
C VAL A 56 -1.80 2.77 18.44
N ARG A 57 -1.19 1.64 18.79
CA ARG A 57 -0.13 1.64 19.81
C ARG A 57 1.19 1.45 19.07
N GLN A 58 2.15 2.30 19.36
CA GLN A 58 3.47 2.19 18.76
C GLN A 58 4.48 1.49 19.65
N TYR A 59 4.95 0.35 19.18
CA TYR A 59 6.01 -0.41 19.84
C TYR A 59 7.30 -0.22 19.05
N ASP A 60 8.31 0.28 19.75
CA ASP A 60 9.63 0.48 19.19
C ASP A 60 10.50 -0.75 19.39
N GLN A 61 11.40 -0.98 18.44
CA GLN A 61 12.41 -2.04 18.44
C GLN A 61 11.84 -3.42 18.70
N VAL A 62 10.88 -3.82 17.87
CA VAL A 62 10.31 -5.15 17.88
C VAL A 62 11.06 -6.05 16.89
N PRO A 63 11.53 -7.22 17.36
CA PRO A 63 12.04 -8.27 16.48
C PRO A 63 11.01 -8.72 15.46
N ILE A 64 11.40 -8.68 14.17
CA ILE A 64 10.59 -9.21 13.06
C ILE A 64 11.42 -10.11 12.15
N GLU A 65 10.89 -11.29 11.88
CA GLU A 65 11.47 -12.21 10.89
C GLU A 65 10.59 -12.33 9.65
N ILE A 66 11.18 -12.02 8.49
CA ILE A 66 10.47 -12.08 7.21
C ILE A 66 11.44 -12.65 6.17
N CYS A 67 11.03 -13.73 5.51
CA CYS A 67 11.80 -14.28 4.39
C CYS A 67 13.27 -14.49 4.74
N GLY A 68 13.52 -15.07 5.92
CA GLY A 68 14.89 -15.32 6.39
C GLY A 68 15.50 -14.17 7.17
N HIS A 69 15.13 -12.96 6.79
CA HIS A 69 15.71 -11.73 7.31
C HIS A 69 15.21 -11.41 8.72
N LYS A 70 16.13 -11.18 9.65
CA LYS A 70 15.73 -10.71 10.97
C LYS A 70 15.99 -9.21 11.09
N VAL A 71 14.94 -8.44 11.36
CA VAL A 71 15.07 -7.00 11.56
C VAL A 71 14.50 -6.63 12.92
N VAL A 72 14.89 -5.45 13.41
CA VAL A 72 14.32 -4.88 14.64
C VAL A 72 13.73 -3.51 14.30
N SER A 73 12.42 -3.39 14.45
CA SER A 73 11.69 -2.30 13.83
C SER A 73 10.55 -1.80 14.72
N THR A 74 10.10 -0.57 14.45
CA THR A 74 8.87 0.00 14.99
C THR A 74 7.66 -0.71 14.38
N VAL A 75 6.76 -1.14 15.24
CA VAL A 75 5.59 -1.86 14.80
C VAL A 75 4.38 -1.24 15.49
N LEU A 76 3.39 -0.88 14.69
CA LEU A 76 2.11 -0.38 15.19
C LEU A 76 1.11 -1.50 15.37
N ILE A 77 0.38 -1.44 16.47
CA ILE A 77 -0.73 -2.37 16.69
C ILE A 77 -2.04 -1.60 16.72
N GLY A 78 -3.01 -2.07 15.93
CA GLY A 78 -4.30 -1.40 15.83
C GLY A 78 -5.24 -2.18 14.91
N PRO A 79 -6.52 -1.74 14.80
N PRO A 79 -6.50 -1.69 14.80
CA PRO A 79 -7.54 -2.52 14.07
CA PRO A 79 -7.44 -2.09 13.75
C PRO A 79 -7.52 -2.43 12.53
C PRO A 79 -6.84 -1.86 12.36
N THR A 80 -6.42 -2.85 11.92
N THR A 80 -6.50 -2.97 11.73
CA THR A 80 -6.30 -2.91 10.45
CA THR A 80 -6.16 -2.98 10.33
C THR A 80 -6.95 -4.21 9.91
C THR A 80 -6.78 -4.26 9.81
N PRO A 81 -7.43 -4.20 8.65
CA PRO A 81 -8.10 -5.40 8.12
C PRO A 81 -7.15 -6.41 7.47
N LEU A 82 -5.94 -5.99 7.14
CA LEU A 82 -4.83 -6.87 6.78
C LEU A 82 -3.58 -6.40 7.54
N ASN A 83 -2.70 -7.31 7.93
CA ASN A 83 -1.43 -6.90 8.50
C ASN A 83 -0.56 -6.35 7.37
N VAL A 84 0.14 -5.26 7.66
CA VAL A 84 0.83 -4.52 6.63
C VAL A 84 2.32 -4.38 6.98
N ILE A 85 3.19 -4.79 6.04
CA ILE A 85 4.64 -4.58 6.17
C ILE A 85 5.01 -3.31 5.40
N GLY A 86 5.43 -2.27 6.13
CA GLY A 86 5.60 -0.94 5.54
C GLY A 86 7.02 -0.66 5.10
N ARG A 87 7.28 0.53 4.57
CA ARG A 87 8.62 0.83 4.05
C ARG A 87 9.69 0.82 5.13
N ASN A 88 9.31 1.13 6.36
CA ASN A 88 10.27 1.14 7.47
C ASN A 88 10.91 -0.23 7.65
N VAL A 89 10.17 -1.31 7.37
CA VAL A 89 10.72 -2.66 7.43
C VAL A 89 11.31 -3.06 6.08
N MET A 90 10.65 -2.68 4.98
CA MET A 90 11.08 -3.13 3.65
C MET A 90 12.45 -2.65 3.22
N THR A 91 12.77 -1.40 3.57
CA THR A 91 14.10 -0.87 3.31
C THR A 91 15.19 -1.69 4.02
N GLN A 92 14.90 -2.18 5.23
N GLN A 92 14.86 -2.20 5.22
CA GLN A 92 15.90 -2.94 5.97
CA GLN A 92 15.75 -2.99 6.09
C GLN A 92 16.20 -4.27 5.30
C GLN A 92 16.01 -4.42 5.61
N ILE A 93 15.21 -4.89 4.67
CA ILE A 93 15.47 -6.16 4.01
C ILE A 93 15.91 -5.94 2.57
N GLY A 94 15.93 -4.69 2.14
CA GLY A 94 16.45 -4.34 0.80
C GLY A 94 15.46 -4.45 -0.36
N CYS A 95 14.17 -4.37 -0.05
N CYS A 95 14.18 -4.38 -0.05
CA CYS A 95 13.09 -4.48 -1.03
CA CYS A 95 13.10 -4.43 -1.05
C CYS A 95 13.00 -3.26 -1.97
C CYS A 95 13.13 -3.23 -2.00
N THR A 96 12.94 -3.53 -3.27
CA THR A 96 12.82 -2.48 -4.31
C THR A 96 11.64 -2.76 -5.23
N LEU A 97 11.14 -1.72 -5.86
CA LEU A 97 10.22 -1.88 -6.98
C LEU A 97 11.04 -1.83 -8.26
N ASN A 98 10.59 -2.57 -9.28
CA ASN A 98 11.29 -2.70 -10.56
C ASN A 98 10.28 -2.75 -11.70
N PHE A 99 10.57 -2.05 -12.81
CA PHE A 99 9.78 -2.20 -14.05
C PHE A 99 10.41 -1.62 -15.32
N PRO B 1 12.37 1.53 -14.33
CA PRO B 1 13.62 1.35 -13.62
C PRO B 1 13.40 0.80 -12.20
N GLN B 2 14.49 0.67 -11.44
CA GLN B 2 14.44 0.26 -10.03
C GLN B 2 14.20 1.46 -9.10
N ILE B 3 13.35 1.25 -8.09
CA ILE B 3 12.97 2.26 -7.11
C ILE B 3 13.17 1.72 -5.68
N THR B 4 14.01 2.40 -4.89
CA THR B 4 14.14 2.08 -3.47
C THR B 4 12.96 2.62 -2.63
N LEU B 5 12.88 2.20 -1.38
CA LEU B 5 11.75 2.56 -0.56
C LEU B 5 12.14 3.41 0.64
N TRP B 6 13.30 4.07 0.57
CA TRP B 6 13.71 5.04 1.59
C TRP B 6 12.77 6.26 1.61
N GLN B 7 12.24 6.59 0.44
CA GLN B 7 11.19 7.61 0.30
C GLN B 7 9.93 6.98 -0.27
N ARG B 8 8.80 7.66 -0.17
CA ARG B 8 7.57 7.19 -0.84
C ARG B 8 7.80 7.08 -2.36
N PRO B 9 7.35 5.95 -2.98
CA PRO B 9 7.48 5.74 -4.44
C PRO B 9 6.38 6.46 -5.21
N LEU B 10 6.50 7.78 -5.30
CA LEU B 10 5.55 8.60 -6.05
C LEU B 10 5.99 8.69 -7.50
N VAL B 11 5.02 8.60 -8.39
CA VAL B 11 5.28 8.78 -9.81
C VAL B 11 4.31 9.82 -10.40
N VAL B 12 4.69 10.39 -11.53
CA VAL B 12 3.79 11.31 -12.23
C VAL B 12 2.86 10.49 -13.11
N VAL B 13 1.56 10.73 -12.99
CA VAL B 13 0.63 10.11 -13.91
C VAL B 13 -0.22 11.13 -14.67
N LYS B 14 -0.61 10.75 -15.90
CA LYS B 14 -1.62 11.48 -16.67
C LYS B 14 -2.87 10.62 -16.72
N VAL B 15 -3.98 11.23 -16.34
CA VAL B 15 -5.29 10.58 -16.29
C VAL B 15 -6.41 11.65 -16.21
N GLY B 16 -7.41 11.57 -17.07
N GLY B 16 -7.49 11.55 -16.97
CA GLY B 16 -7.27 11.01 -18.41
CA GLY B 16 -7.45 11.24 -18.38
C GLY B 16 -6.65 12.10 -19.28
C GLY B 16 -7.43 12.67 -18.90
N GLY B 17 -6.96 13.35 -18.95
N GLY B 17 -6.25 13.13 -19.32
CA GLY B 17 -6.34 14.52 -19.60
CA GLY B 17 -6.08 14.54 -19.70
C GLY B 17 -5.65 15.47 -18.61
C GLY B 17 -5.41 15.40 -18.65
N GLN B 18 -5.47 14.98 -17.38
CA GLN B 18 -4.91 15.76 -16.27
C GLN B 18 -3.65 15.11 -15.71
N LEU B 19 -2.79 15.93 -15.10
CA LEU B 19 -1.53 15.46 -14.49
C LEU B 19 -1.65 15.39 -12.96
N MET B 20 -1.24 14.27 -12.38
CA MET B 20 -1.39 13.98 -10.93
C MET B 20 -0.08 13.35 -10.45
N GLU B 21 0.16 13.33 -9.15
CA GLU B 21 1.17 12.44 -8.55
C GLU B 21 0.44 11.34 -7.80
N ALA B 22 1.00 10.13 -7.85
CA ALA B 22 0.41 8.99 -7.19
C ALA B 22 1.45 8.03 -6.63
N LEU B 23 1.02 7.26 -5.65
CA LEU B 23 1.83 6.29 -4.97
C LEU B 23 1.73 4.90 -5.63
N LEU B 24 2.90 4.37 -6.00
CA LEU B 24 3.02 2.99 -6.43
C LEU B 24 2.82 2.14 -5.20
N ASP B 25 1.71 1.45 -5.17
CA ASP B 25 1.21 0.90 -3.93
C ASP B 25 0.89 -0.59 -4.01
N THR B 26 1.83 -1.45 -3.58
CA THR B 26 1.65 -2.91 -3.74
C THR B 26 0.58 -3.50 -2.81
N GLY B 27 0.23 -2.74 -1.76
CA GLY B 27 -0.84 -3.13 -0.86
C GLY B 27 -2.25 -2.76 -1.32
N ALA B 28 -2.39 -2.19 -2.51
CA ALA B 28 -3.70 -1.81 -3.01
C ALA B 28 -4.08 -2.71 -4.19
N ASP B 29 -5.26 -3.35 -4.11
CA ASP B 29 -5.71 -4.16 -5.22
C ASP B 29 -6.10 -3.26 -6.38
N ASP B 30 -6.58 -2.07 -6.05
CA ASP B 30 -7.25 -1.17 -7.00
C ASP B 30 -6.54 0.18 -7.07
N THR B 31 -6.89 0.97 -8.08
CA THR B 31 -6.26 2.25 -8.30
C THR B 31 -7.30 3.28 -7.90
N ILE B 32 -6.93 4.16 -6.98
CA ILE B 32 -7.86 5.21 -6.54
C ILE B 32 -7.23 6.61 -6.53
N PHE B 33 -7.97 7.56 -7.09
CA PHE B 33 -7.61 8.97 -7.09
C PHE B 33 -8.63 9.84 -6.38
N GLU B 34 -8.13 10.95 -5.83
CA GLU B 34 -8.96 12.05 -5.33
C GLU B 34 -10.00 12.52 -6.34
N GLU B 35 -11.02 13.21 -5.84
CA GLU B 35 -12.07 13.71 -6.70
C GLU B 35 -11.52 14.45 -7.92
N MET B 36 -11.86 13.95 -9.09
CA MET B 36 -11.58 14.62 -10.36
C MET B 36 -12.69 14.21 -11.34
N ASN B 37 -12.86 14.96 -12.42
CA ASN B 37 -13.95 14.62 -13.33
C ASN B 37 -13.48 13.67 -14.41
N LEU B 38 -13.76 12.39 -14.20
CA LEU B 38 -13.64 11.45 -15.29
C LEU B 38 -14.96 11.50 -16.08
N PRO B 39 -14.87 11.42 -17.42
CA PRO B 39 -16.09 11.46 -18.23
C PRO B 39 -16.83 10.12 -18.26
N GLY B 40 -18.14 10.19 -18.51
CA GLY B 40 -18.96 9.01 -18.75
C GLY B 40 -19.63 8.37 -17.54
N ARG B 41 -20.01 7.10 -17.73
CA ARG B 41 -20.74 6.35 -16.72
CA ARG B 41 -20.74 6.34 -16.73
C ARG B 41 -19.81 5.71 -15.69
N TRP B 42 -20.32 5.55 -14.48
CA TRP B 42 -19.59 4.95 -13.37
C TRP B 42 -20.54 4.07 -12.56
N THR B 43 -19.96 3.11 -11.84
CA THR B 43 -20.72 2.25 -10.93
C THR B 43 -20.26 2.54 -9.50
N PRO B 44 -21.21 2.57 -8.51
CA PRO B 44 -20.84 2.75 -7.11
C PRO B 44 -20.08 1.57 -6.51
N LYS B 45 -19.05 1.90 -5.73
CA LYS B 45 -18.20 0.90 -5.10
C LYS B 45 -17.81 1.34 -3.69
N MET B 46 -17.82 0.42 -2.74
CA MET B 46 -17.30 0.71 -1.39
C MET B 46 -16.00 -0.05 -1.26
N ILE B 47 -15.04 0.60 -0.60
CA ILE B 47 -13.77 -0.03 -0.32
C ILE B 47 -13.43 0.36 1.10
N GLY B 48 -12.61 -0.47 1.75
CA GLY B 48 -12.18 -0.17 3.09
C GLY B 48 -10.72 -0.42 3.27
N GLY B 49 -10.10 0.45 4.07
CA GLY B 49 -8.74 0.23 4.52
C GLY B 49 -8.55 0.68 5.93
N ILE B 50 -7.32 1.06 6.25
CA ILE B 50 -6.98 1.66 7.54
C ILE B 50 -7.73 2.96 7.84
N GLY B 51 -8.36 2.99 9.01
CA GLY B 51 -9.14 4.10 9.51
C GLY B 51 -10.58 4.14 9.00
N GLY B 52 -11.02 3.08 8.34
CA GLY B 52 -12.40 3.03 7.87
C GLY B 52 -12.63 2.87 6.37
N PHE B 53 -13.75 3.42 5.90
CA PHE B 53 -14.24 3.12 4.55
C PHE B 53 -14.84 4.33 3.82
N LEU B 54 -14.79 4.27 2.49
CA LEU B 54 -15.32 5.34 1.62
C LEU B 54 -16.29 4.82 0.54
N ASN B 55 -17.13 5.71 0.05
CA ASN B 55 -17.90 5.44 -1.15
C ASN B 55 -17.20 6.03 -2.36
N VAL B 56 -16.93 5.16 -3.32
CA VAL B 56 -16.15 5.55 -4.46
C VAL B 56 -16.94 5.26 -5.72
N ARG B 57 -16.52 5.88 -6.80
CA ARG B 57 -17.11 5.66 -8.10
C ARG B 57 -16.09 4.92 -8.97
N GLN B 58 -16.53 3.82 -9.57
CA GLN B 58 -15.70 2.96 -10.43
C GLN B 58 -15.85 3.33 -11.89
N TYR B 59 -14.73 3.71 -12.49
CA TYR B 59 -14.69 4.02 -13.92
C TYR B 59 -13.85 2.94 -14.58
N ASP B 60 -14.41 2.32 -15.60
CA ASP B 60 -13.70 1.26 -16.32
C ASP B 60 -13.05 1.79 -17.57
N GLN B 61 -11.94 1.16 -17.94
CA GLN B 61 -11.23 1.44 -19.18
C GLN B 61 -10.84 2.90 -19.37
N VAL B 62 -10.28 3.46 -18.31
CA VAL B 62 -9.72 4.79 -18.27
C VAL B 62 -8.27 4.73 -18.75
N PRO B 63 -7.94 5.53 -19.79
CA PRO B 63 -6.53 5.73 -20.17
C PRO B 63 -5.72 6.27 -19.03
N ILE B 64 -4.62 5.60 -18.72
CA ILE B 64 -3.66 6.12 -17.76
CA ILE B 64 -3.63 6.04 -17.72
C ILE B 64 -2.24 6.01 -18.34
N GLU B 65 -1.46 7.06 -18.07
CA GLU B 65 -0.11 7.19 -18.57
C GLU B 65 0.87 7.28 -17.39
N ILE B 66 1.72 6.28 -17.27
CA ILE B 66 2.56 6.19 -16.11
C ILE B 66 3.99 5.89 -16.53
N CYS B 67 4.86 6.88 -16.28
CA CYS B 67 6.19 6.95 -16.87
CA CYS B 67 6.24 6.93 -16.71
C CYS B 67 6.00 6.94 -18.38
N GLY B 68 6.58 5.98 -19.07
CA GLY B 68 6.38 5.90 -20.51
C GLY B 68 5.25 4.98 -20.94
N HIS B 69 4.60 4.34 -19.97
CA HIS B 69 3.67 3.28 -20.26
C HIS B 69 2.24 3.82 -20.34
N LYS B 70 1.56 3.49 -21.43
CA LYS B 70 0.15 3.78 -21.55
C LYS B 70 -0.60 2.49 -21.29
N VAL B 71 -1.58 2.54 -20.40
CA VAL B 71 -2.44 1.43 -20.14
C VAL B 71 -3.88 1.94 -20.08
N VAL B 72 -4.83 1.01 -20.10
CA VAL B 72 -6.25 1.31 -19.97
C VAL B 72 -6.79 0.45 -18.83
N SER B 73 -7.32 1.08 -17.81
CA SER B 73 -7.53 0.42 -16.54
C SER B 73 -8.79 0.93 -15.84
N THR B 74 -9.29 0.13 -14.91
CA THR B 74 -10.30 0.57 -13.94
C THR B 74 -9.68 1.54 -12.93
N VAL B 75 -10.42 2.61 -12.66
CA VAL B 75 -9.95 3.68 -11.78
C VAL B 75 -11.13 4.06 -10.92
N LEU B 76 -10.90 4.03 -9.61
CA LEU B 76 -11.87 4.48 -8.61
C LEU B 76 -11.63 5.94 -8.27
N ILE B 77 -12.69 6.72 -8.17
CA ILE B 77 -12.59 8.10 -7.73
C ILE B 77 -13.33 8.21 -6.42
N GLY B 78 -12.66 8.76 -5.41
CA GLY B 78 -13.29 8.97 -4.11
C GLY B 78 -12.30 9.62 -3.17
N PRO B 79 -12.72 9.91 -1.92
CA PRO B 79 -11.80 10.47 -0.92
C PRO B 79 -10.66 9.50 -0.62
N THR B 80 -9.46 9.91 -0.95
CA THR B 80 -8.31 9.22 -0.50
C THR B 80 -7.39 10.39 -0.22
N PRO B 81 -6.52 10.26 0.78
CA PRO B 81 -5.70 11.43 1.10
C PRO B 81 -4.44 11.50 0.22
N LEU B 82 -4.37 10.61 -0.76
CA LEU B 82 -3.19 10.39 -1.59
C LEU B 82 -3.71 9.58 -2.78
N ASN B 83 -3.20 9.87 -3.96
CA ASN B 83 -3.58 9.07 -5.11
C ASN B 83 -2.77 7.76 -5.09
N VAL B 84 -3.44 6.66 -5.41
CA VAL B 84 -2.81 5.37 -5.25
C VAL B 84 -2.88 4.59 -6.54
N ILE B 85 -1.72 4.10 -6.99
CA ILE B 85 -1.63 3.20 -8.16
C ILE B 85 -1.60 1.76 -7.61
N GLY B 86 -2.64 0.97 -7.91
CA GLY B 86 -2.76 -0.37 -7.32
C GLY B 86 -2.21 -1.46 -8.22
N ARG B 87 -2.28 -2.71 -7.75
CA ARG B 87 -1.78 -3.84 -8.52
C ARG B 87 -2.45 -3.98 -9.90
N ASN B 88 -3.72 -3.58 -10.02
CA ASN B 88 -4.40 -3.68 -11.33
C ASN B 88 -3.65 -2.93 -12.45
N VAL B 89 -3.03 -1.82 -12.09
CA VAL B 89 -2.25 -1.05 -13.06
C VAL B 89 -0.78 -1.50 -13.09
N MET B 90 -0.22 -1.80 -11.92
CA MET B 90 1.20 -2.20 -11.83
C MET B 90 1.56 -3.50 -12.56
N THR B 91 0.66 -4.48 -12.51
CA THR B 91 0.84 -5.67 -13.30
C THR B 91 0.99 -5.32 -14.79
N GLN B 92 0.22 -4.34 -15.26
CA GLN B 92 0.21 -3.99 -16.69
C GLN B 92 1.49 -3.28 -17.13
N ILE B 93 2.19 -2.63 -16.20
CA ILE B 93 3.50 -2.08 -16.53
C ILE B 93 4.66 -3.03 -16.18
N GLY B 94 4.31 -4.23 -15.72
CA GLY B 94 5.30 -5.27 -15.41
C GLY B 94 6.08 -5.02 -14.12
N CYS B 95 5.52 -4.18 -13.23
CA CYS B 95 6.12 -3.85 -11.94
C CYS B 95 6.20 -5.07 -10.99
N THR B 96 7.38 -5.30 -10.41
CA THR B 96 7.62 -6.38 -9.44
C THR B 96 8.28 -5.89 -8.13
N LEU B 97 8.21 -6.69 -7.08
CA LEU B 97 8.99 -6.43 -5.88
C LEU B 97 10.20 -7.33 -5.93
N ASN B 98 11.32 -6.84 -5.38
CA ASN B 98 12.60 -7.57 -5.39
C ASN B 98 13.40 -7.34 -4.13
N PHE B 99 13.96 -8.42 -3.56
CA PHE B 99 14.93 -8.31 -2.47
C PHE B 99 15.82 -9.55 -2.34
#